data_1WV2
#
_entry.id   1WV2
#
_cell.length_a   74.115
_cell.length_b   74.115
_cell.length_c   164.947
_cell.angle_alpha   90.000
_cell.angle_beta   90.000
_cell.angle_gamma   120.000
#
_symmetry.space_group_name_H-M   'P 31 2 1'
#
_entity_poly.entity_id   1
_entity_poly.type   'polypeptide(L)'
_entity_poly.pdbx_seq_one_letter_code
;MSQASSTDTPFVIAGRTYGSRLLVGTGKYKDLDETRRAIEASGAEIVTVAVRRTNIGQNPDEPNLLDVIPPDRYTILPNT
AGCYDAVEAVRTCRLARELLDGHNLVKLEVLADQKTLFPNVVETLKAAEQLVKDGFDVMVYTSDDPIIARQLAEIGCIAV
MPLAGLIGSGLGICNPYNLRIILEEAKVPVLVDAGVGTASDAAIAMELGCEAVLMNTAIAHAKDPVMMAEAMKHAIVAGR
LAYLAGRMPRKLYASASSPLDGLID
;
_entity_poly.pdbx_strand_id   A,B
#
# COMPACT_ATOMS: atom_id res chain seq x y z
N THR A 9 -6.29 1.10 -29.02
CA THR A 9 -7.20 2.27 -28.89
C THR A 9 -6.44 3.58 -28.60
N PRO A 10 -7.16 4.69 -28.46
CA PRO A 10 -6.52 5.99 -28.19
C PRO A 10 -6.20 6.25 -26.72
N PHE A 11 -4.95 6.60 -26.48
CA PHE A 11 -4.48 6.91 -25.13
C PHE A 11 -4.67 8.41 -24.89
N VAL A 12 -5.74 8.76 -24.17
CA VAL A 12 -6.02 10.17 -23.90
C VAL A 12 -5.82 10.64 -22.45
N ILE A 13 -5.03 11.70 -22.30
CA ILE A 13 -4.75 12.28 -20.99
C ILE A 13 -4.93 13.79 -21.04
N ALA A 14 -5.79 14.30 -20.18
CA ALA A 14 -6.06 15.73 -20.11
C ALA A 14 -6.44 16.33 -21.47
N GLY A 15 -7.34 15.67 -22.18
CA GLY A 15 -7.77 16.15 -23.49
C GLY A 15 -6.87 15.66 -24.60
N ARG A 16 -5.56 15.87 -24.46
CA ARG A 16 -4.62 15.41 -25.48
C ARG A 16 -4.61 13.89 -25.59
N THR A 17 -4.42 13.41 -26.82
CA THR A 17 -4.36 11.98 -27.06
C THR A 17 -2.96 11.63 -27.58
N TYR A 18 -2.38 10.54 -27.07
CA TYR A 18 -1.03 10.13 -27.46
C TYR A 18 -1.00 8.74 -28.10
N GLY A 19 0.15 8.40 -28.69
CA GLY A 19 0.31 7.11 -29.34
C GLY A 19 1.03 6.09 -28.46
N SER A 20 2.15 6.51 -27.85
CA SER A 20 2.91 5.64 -26.96
C SER A 20 2.30 5.63 -25.56
N ARG A 21 2.14 4.42 -25.01
CA ARG A 21 1.61 4.26 -23.67
C ARG A 21 2.77 3.99 -22.73
N LEU A 22 3.97 4.40 -23.13
CA LEU A 22 5.16 4.22 -22.31
C LEU A 22 5.83 5.53 -21.89
N LEU A 23 5.40 6.12 -20.78
CA LEU A 23 6.05 7.33 -20.32
C LEU A 23 7.44 6.92 -19.84
N VAL A 24 8.43 7.78 -20.02
CA VAL A 24 9.80 7.47 -19.61
C VAL A 24 10.47 8.61 -18.84
N GLY A 25 11.29 8.26 -17.86
CA GLY A 25 11.96 9.25 -17.04
C GLY A 25 13.33 9.65 -17.54
N THR A 26 13.95 10.60 -16.85
CA THR A 26 15.27 11.12 -17.20
C THR A 26 16.21 11.22 -16.00
N GLY A 27 17.42 11.69 -16.26
CA GLY A 27 18.40 11.88 -15.21
C GLY A 27 19.16 10.67 -14.72
N LYS A 28 18.79 9.48 -15.17
CA LYS A 28 19.46 8.27 -14.72
C LYS A 28 20.51 7.77 -15.69
N TYR A 29 20.54 8.34 -16.89
CA TYR A 29 21.50 7.93 -17.91
C TYR A 29 22.91 8.45 -17.62
N LYS A 30 23.82 8.26 -18.57
CA LYS A 30 25.20 8.70 -18.40
C LYS A 30 25.47 10.06 -19.03
N ASP A 31 24.69 10.40 -20.04
CA ASP A 31 24.84 11.67 -20.75
C ASP A 31 23.60 11.92 -21.60
N LEU A 32 23.63 13.03 -22.34
CA LEU A 32 22.49 13.39 -23.18
C LEU A 32 22.41 12.54 -24.45
N ASP A 33 23.55 12.13 -24.98
CA ASP A 33 23.57 11.30 -26.18
C ASP A 33 22.73 10.07 -25.84
N GLU A 34 23.07 9.45 -24.72
CA GLU A 34 22.39 8.26 -24.25
C GLU A 34 20.89 8.49 -24.03
N THR A 35 20.54 9.40 -23.13
CA THR A 35 19.13 9.65 -22.87
C THR A 35 18.40 10.01 -24.15
N ARG A 36 19.07 10.70 -25.04
CA ARG A 36 18.45 11.10 -26.30
C ARG A 36 18.16 9.87 -27.14
N ARG A 37 19.19 9.05 -27.33
CA ARG A 37 19.04 7.84 -28.12
C ARG A 37 18.09 6.83 -27.47
N ALA A 38 18.05 6.85 -26.13
CA ALA A 38 17.20 5.95 -25.37
C ALA A 38 15.71 6.30 -25.42
N ILE A 39 15.33 7.49 -24.94
CA ILE A 39 13.91 7.85 -24.95
C ILE A 39 13.42 7.91 -26.38
N GLU A 40 14.37 7.85 -27.30
CA GLU A 40 14.07 7.88 -28.71
C GLU A 40 13.67 6.47 -29.09
N ALA A 41 14.41 5.50 -28.55
CA ALA A 41 14.17 4.08 -28.79
C ALA A 41 12.92 3.59 -28.06
N SER A 42 12.71 4.12 -26.86
CA SER A 42 11.56 3.77 -26.05
C SER A 42 10.26 4.05 -26.81
N GLY A 43 10.32 5.04 -27.68
CA GLY A 43 9.15 5.41 -28.45
C GLY A 43 8.20 6.27 -27.66
N ALA A 44 8.63 6.68 -26.47
CA ALA A 44 7.84 7.51 -25.58
C ALA A 44 7.47 8.85 -26.20
N GLU A 45 6.29 9.35 -25.82
CA GLU A 45 5.78 10.62 -26.31
C GLU A 45 5.81 11.64 -25.17
N ILE A 46 5.62 11.15 -23.95
CA ILE A 46 5.63 11.99 -22.75
C ILE A 46 6.86 11.59 -21.97
N VAL A 47 7.73 12.53 -21.66
CA VAL A 47 8.93 12.20 -20.86
C VAL A 47 8.99 13.14 -19.66
N THR A 48 9.12 12.55 -18.48
CA THR A 48 9.15 13.31 -17.24
C THR A 48 10.57 13.70 -16.81
N VAL A 49 10.70 14.90 -16.24
CA VAL A 49 11.99 15.41 -15.76
C VAL A 49 11.87 15.96 -14.35
N ALA A 50 12.90 15.74 -13.54
CA ALA A 50 12.90 16.22 -12.16
C ALA A 50 13.31 17.68 -12.11
N VAL A 51 12.33 18.57 -12.19
CA VAL A 51 12.54 20.01 -12.14
C VAL A 51 13.59 20.44 -11.11
N ARG A 52 13.46 19.92 -9.90
CA ARG A 52 14.40 20.27 -8.84
C ARG A 52 15.80 19.72 -9.01
N ARG A 53 16.09 19.04 -10.12
CA ARG A 53 17.43 18.50 -10.32
C ARG A 53 17.80 18.28 -11.79
N THR A 54 17.19 19.07 -12.67
CA THR A 54 17.43 19.03 -14.12
C THR A 54 16.73 20.26 -14.69
N ASN A 55 17.49 21.23 -15.23
CA ASN A 55 16.85 22.44 -15.77
C ASN A 55 17.18 22.60 -17.25
N ILE A 69 15.60 17.64 -24.21
CA ILE A 69 14.78 17.03 -25.26
C ILE A 69 13.68 17.98 -25.78
N PRO A 70 13.58 18.11 -27.10
CA PRO A 70 12.62 18.97 -27.83
C PRO A 70 11.14 18.95 -27.45
N PRO A 71 10.63 20.03 -26.83
CA PRO A 71 9.21 20.09 -26.43
C PRO A 71 8.28 20.33 -27.63
N ASP A 72 8.85 20.30 -28.82
CA ASP A 72 8.10 20.50 -30.07
C ASP A 72 7.97 19.12 -30.69
N ARG A 73 8.54 18.15 -29.99
CA ARG A 73 8.55 16.75 -30.38
C ARG A 73 7.94 15.92 -29.25
N TYR A 74 8.15 16.35 -28.02
CA TYR A 74 7.64 15.66 -26.83
C TYR A 74 6.79 16.48 -25.88
N THR A 75 5.91 15.79 -25.17
CA THR A 75 5.08 16.40 -24.12
C THR A 75 5.97 16.23 -22.88
N ILE A 76 6.39 17.31 -22.25
CA ILE A 76 7.24 17.19 -21.08
C ILE A 76 6.42 17.19 -19.78
N LEU A 77 6.71 16.23 -18.90
CA LEU A 77 5.99 16.07 -17.63
C LEU A 77 6.88 16.49 -16.44
N PRO A 78 6.83 17.78 -16.05
CA PRO A 78 7.65 18.23 -14.92
C PRO A 78 7.20 17.55 -13.62
N ASN A 79 8.11 16.89 -12.92
CA ASN A 79 7.71 16.22 -11.69
C ASN A 79 8.45 16.80 -10.50
N THR A 80 7.76 16.84 -9.37
CA THR A 80 8.34 17.39 -8.16
C THR A 80 9.29 16.46 -7.41
N ALA A 81 10.00 15.60 -8.13
CA ALA A 81 10.95 14.70 -7.46
C ALA A 81 11.88 15.55 -6.58
N GLY A 82 12.04 15.14 -5.33
CA GLY A 82 12.91 15.90 -4.43
C GLY A 82 12.11 16.59 -3.34
N CYS A 83 10.81 16.77 -3.55
CA CYS A 83 9.97 17.43 -2.56
C CYS A 83 9.56 16.48 -1.46
N TYR A 84 9.37 17.02 -0.26
CA TYR A 84 8.96 16.22 0.89
C TYR A 84 7.75 16.82 1.61
N ASP A 85 7.26 17.97 1.15
CA ASP A 85 6.08 18.61 1.75
C ASP A 85 5.12 18.94 0.62
N ALA A 86 3.91 19.31 0.99
CA ALA A 86 2.94 19.70 -0.01
C ALA A 86 3.39 21.10 -0.42
N VAL A 87 3.87 21.86 0.56
CA VAL A 87 4.35 23.23 0.32
C VAL A 87 5.50 23.28 -0.69
N GLU A 88 6.41 22.31 -0.62
CA GLU A 88 7.53 22.26 -1.54
C GLU A 88 7.07 21.80 -2.92
N ALA A 89 6.26 20.75 -2.95
CA ALA A 89 5.75 20.24 -4.21
C ALA A 89 4.94 21.33 -4.92
N VAL A 90 4.12 22.04 -4.15
CA VAL A 90 3.28 23.09 -4.71
C VAL A 90 4.11 24.25 -5.26
N ARG A 91 5.23 24.54 -4.62
CA ARG A 91 6.09 25.64 -5.07
C ARG A 91 6.85 25.22 -6.32
N THR A 92 7.40 24.00 -6.31
CA THR A 92 8.12 23.51 -7.47
C THR A 92 7.21 23.50 -8.70
N CYS A 93 5.95 23.11 -8.50
CA CYS A 93 4.97 23.09 -9.60
C CYS A 93 4.67 24.46 -10.17
N ARG A 94 4.59 25.47 -9.30
CA ARG A 94 4.32 26.81 -9.78
C ARG A 94 5.53 27.32 -10.56
N LEU A 95 6.73 27.03 -10.05
CA LEU A 95 7.95 27.47 -10.69
C LEU A 95 8.30 26.69 -11.94
N ALA A 96 7.57 25.61 -12.19
CA ALA A 96 7.84 24.81 -13.38
C ALA A 96 6.77 25.14 -14.39
N ARG A 97 5.64 25.62 -13.89
CA ARG A 97 4.52 25.97 -14.75
C ARG A 97 4.88 27.26 -15.51
N GLU A 98 5.73 28.09 -14.92
CA GLU A 98 6.13 29.32 -15.59
C GLU A 98 7.40 29.21 -16.42
N LEU A 99 8.19 28.16 -16.21
CA LEU A 99 9.38 27.97 -17.01
C LEU A 99 8.94 27.28 -18.29
N LEU A 100 7.79 26.63 -18.24
CA LEU A 100 7.25 25.90 -19.39
C LEU A 100 6.13 26.69 -20.03
N ASP A 101 6.13 28.00 -19.82
CA ASP A 101 5.11 28.86 -20.40
C ASP A 101 3.68 28.41 -20.08
N GLY A 102 3.32 28.51 -18.80
CA GLY A 102 1.99 28.15 -18.34
C GLY A 102 1.44 26.77 -18.65
N HIS A 103 2.28 25.75 -18.70
CA HIS A 103 1.77 24.42 -18.96
C HIS A 103 1.35 23.81 -17.64
N ASN A 104 0.07 23.41 -17.56
CA ASN A 104 -0.49 22.84 -16.36
C ASN A 104 -0.21 21.36 -16.10
N LEU A 105 0.40 20.68 -17.06
CA LEU A 105 0.69 19.26 -16.87
C LEU A 105 1.81 19.02 -15.87
N VAL A 106 1.46 18.38 -14.76
CA VAL A 106 2.42 18.09 -13.73
C VAL A 106 2.26 16.71 -13.10
N LYS A 107 3.37 16.10 -12.74
CA LYS A 107 3.37 14.82 -12.05
C LYS A 107 3.64 15.13 -10.57
N LEU A 108 2.61 15.11 -9.73
CA LEU A 108 2.80 15.38 -8.31
C LEU A 108 3.55 14.21 -7.70
N GLU A 109 4.60 14.49 -6.92
CA GLU A 109 5.38 13.42 -6.30
C GLU A 109 5.97 13.79 -4.95
N VAL A 110 5.18 13.70 -3.90
CA VAL A 110 5.65 14.01 -2.56
C VAL A 110 6.14 12.71 -1.89
N LEU A 111 7.45 12.57 -1.71
CA LEU A 111 8.00 11.37 -1.05
C LEU A 111 8.16 11.50 0.47
N ALA A 112 8.39 10.37 1.14
CA ALA A 112 8.51 10.36 2.59
C ALA A 112 9.93 10.68 3.06
N ASP A 113 10.89 9.87 2.61
CA ASP A 113 12.29 10.07 2.97
C ASP A 113 13.20 9.52 1.89
N GLN A 114 14.38 10.12 1.78
CA GLN A 114 15.37 9.70 0.80
C GLN A 114 15.71 8.22 0.93
N LYS A 115 15.26 7.56 2.00
CA LYS A 115 15.57 6.15 2.18
C LYS A 115 14.63 5.24 1.41
N THR A 116 13.38 5.18 1.83
CA THR A 116 12.40 4.33 1.18
C THR A 116 11.86 4.92 -0.12
N LEU A 117 11.93 6.24 -0.24
CA LEU A 117 11.42 6.92 -1.43
C LEU A 117 9.99 6.44 -1.64
N PHE A 118 9.32 6.19 -0.52
CA PHE A 118 7.95 5.72 -0.53
C PHE A 118 7.07 6.95 -0.40
N PRO A 119 5.98 7.03 -1.17
CA PRO A 119 5.09 8.20 -1.08
C PRO A 119 4.51 8.50 0.29
N ASN A 120 4.38 9.78 0.60
CA ASN A 120 3.79 10.23 1.84
C ASN A 120 2.42 10.61 1.36
N VAL A 121 1.49 9.66 1.40
CA VAL A 121 0.15 9.92 0.91
C VAL A 121 -0.62 11.06 1.58
N VAL A 122 -0.26 11.39 2.82
CA VAL A 122 -0.95 12.47 3.52
C VAL A 122 -0.56 13.83 2.95
N GLU A 123 0.72 14.00 2.69
CA GLU A 123 1.23 15.24 2.12
C GLU A 123 0.82 15.35 0.66
N THR A 124 0.75 14.20 -0.01
CA THR A 124 0.36 14.13 -1.42
C THR A 124 -1.10 14.56 -1.57
N LEU A 125 -1.93 14.18 -0.61
CA LEU A 125 -3.34 14.53 -0.63
C LEU A 125 -3.42 16.05 -0.44
N LYS A 126 -2.60 16.56 0.47
CA LYS A 126 -2.50 17.99 0.77
C LYS A 126 -2.17 18.80 -0.49
N ALA A 127 -1.04 18.49 -1.11
CA ALA A 127 -0.60 19.17 -2.32
C ALA A 127 -1.53 18.96 -3.50
N ALA A 128 -2.04 17.74 -3.64
CA ALA A 128 -2.93 17.42 -4.77
C ALA A 128 -4.16 18.31 -4.79
N GLU A 129 -4.66 18.59 -3.60
CA GLU A 129 -5.85 19.41 -3.44
C GLU A 129 -5.51 20.85 -3.80
N GLN A 130 -4.37 21.33 -3.30
CA GLN A 130 -3.92 22.69 -3.56
C GLN A 130 -3.67 22.94 -5.05
N LEU A 131 -2.95 22.01 -5.67
CA LEU A 131 -2.62 22.09 -7.09
C LEU A 131 -3.83 22.06 -8.01
N VAL A 132 -4.85 21.27 -7.65
CA VAL A 132 -6.05 21.17 -8.47
C VAL A 132 -6.85 22.47 -8.53
N LYS A 133 -7.01 23.13 -7.38
CA LYS A 133 -7.76 24.38 -7.35
C LYS A 133 -6.86 25.55 -7.74
N ASP A 134 -5.69 25.22 -8.26
CA ASP A 134 -4.71 26.20 -8.73
C ASP A 134 -4.48 26.06 -10.22
N GLY A 135 -5.45 25.42 -10.88
CA GLY A 135 -5.44 25.25 -12.32
C GLY A 135 -4.55 24.20 -12.94
N PHE A 136 -3.94 23.36 -12.11
CA PHE A 136 -3.05 22.32 -12.63
C PHE A 136 -3.73 21.06 -13.09
N ASP A 137 -3.07 20.34 -14.00
CA ASP A 137 -3.52 19.04 -14.52
C ASP A 137 -2.55 18.05 -13.89
N VAL A 138 -2.97 17.51 -12.74
CA VAL A 138 -2.12 16.63 -11.96
C VAL A 138 -2.19 15.12 -12.24
N MET A 139 -1.01 14.54 -12.42
CA MET A 139 -0.88 13.10 -12.60
C MET A 139 -0.19 12.84 -11.28
N VAL A 140 -0.87 12.14 -10.38
CA VAL A 140 -0.32 11.91 -9.05
C VAL A 140 0.30 10.55 -8.71
N TYR A 141 1.55 10.57 -8.24
CA TYR A 141 2.27 9.37 -7.81
C TYR A 141 1.66 9.02 -6.44
N THR A 142 1.49 7.72 -6.17
CA THR A 142 0.91 7.29 -4.90
C THR A 142 1.15 5.83 -4.56
N SER A 143 0.71 5.39 -3.38
CA SER A 143 0.84 4.00 -2.97
C SER A 143 -0.22 3.14 -3.69
N ASP A 144 -0.32 1.87 -3.32
CA ASP A 144 -1.32 0.98 -3.93
C ASP A 144 -2.62 1.00 -3.12
N ASP A 145 -2.69 1.89 -2.13
CA ASP A 145 -3.86 2.05 -1.30
C ASP A 145 -5.02 2.46 -2.21
N PRO A 146 -6.01 1.58 -2.37
CA PRO A 146 -7.14 1.92 -3.25
C PRO A 146 -8.08 3.03 -2.78
N ILE A 147 -8.16 3.29 -1.47
CA ILE A 147 -9.06 4.35 -1.03
C ILE A 147 -8.45 5.74 -1.18
N ILE A 148 -7.14 5.88 -0.94
CA ILE A 148 -6.52 7.20 -1.12
C ILE A 148 -6.42 7.49 -2.61
N ALA A 149 -6.37 6.45 -3.44
CA ALA A 149 -6.29 6.60 -4.88
C ALA A 149 -7.66 7.04 -5.37
N ARG A 150 -8.67 6.73 -4.57
CA ARG A 150 -10.03 7.10 -4.90
C ARG A 150 -10.24 8.60 -4.64
N GLN A 151 -9.78 9.05 -3.48
CA GLN A 151 -9.89 10.44 -3.10
C GLN A 151 -9.11 11.37 -4.00
N LEU A 152 -7.98 10.89 -4.50
CA LEU A 152 -7.14 11.69 -5.38
C LEU A 152 -7.86 12.00 -6.68
N ALA A 153 -8.63 11.04 -7.20
CA ALA A 153 -9.38 11.25 -8.43
C ALA A 153 -10.60 12.14 -8.13
N GLU A 154 -11.04 12.13 -6.88
CA GLU A 154 -12.18 12.94 -6.47
C GLU A 154 -11.80 14.40 -6.33
N ILE A 155 -10.63 14.68 -5.76
CA ILE A 155 -10.22 16.05 -5.58
C ILE A 155 -9.69 16.62 -6.90
N GLY A 156 -9.88 15.86 -7.98
CA GLY A 156 -9.43 16.29 -9.29
C GLY A 156 -8.52 15.27 -9.93
N CYS A 157 -7.30 15.67 -10.24
CA CYS A 157 -6.32 14.77 -10.82
C CYS A 157 -6.74 14.05 -12.11
N ILE A 158 -6.01 14.39 -13.18
CA ILE A 158 -6.18 13.84 -14.51
C ILE A 158 -5.94 12.33 -14.48
N ALA A 159 -4.92 11.93 -13.72
CA ALA A 159 -4.58 10.53 -13.62
C ALA A 159 -3.93 10.19 -12.28
N VAL A 160 -4.24 9.01 -11.77
CA VAL A 160 -3.66 8.53 -10.53
C VAL A 160 -2.65 7.45 -10.93
N MET A 161 -1.41 7.55 -10.44
CA MET A 161 -0.35 6.58 -10.82
C MET A 161 0.24 5.77 -9.66
N PRO A 162 -0.46 4.72 -9.20
CA PRO A 162 0.07 3.92 -8.09
C PRO A 162 1.38 3.29 -8.49
N LEU A 163 2.28 3.13 -7.54
CA LEU A 163 3.56 2.53 -7.85
C LEU A 163 3.42 1.02 -8.12
N ALA A 164 4.47 0.42 -8.67
CA ALA A 164 4.49 -1.02 -8.97
C ALA A 164 5.31 -1.66 -7.87
N GLY A 165 6.45 -1.02 -7.60
CA GLY A 165 7.37 -1.44 -6.58
C GLY A 165 8.07 -0.18 -6.12
N LEU A 166 8.89 -0.26 -5.08
CA LEU A 166 9.60 0.94 -4.63
C LEU A 166 10.43 1.49 -5.78
N ILE A 167 10.63 2.81 -5.75
CA ILE A 167 11.41 3.52 -6.77
C ILE A 167 12.84 3.00 -6.90
N GLY A 168 13.20 2.56 -8.10
CA GLY A 168 14.56 2.08 -8.31
C GLY A 168 14.86 0.72 -7.69
N SER A 169 13.84 0.04 -7.19
CA SER A 169 14.03 -1.27 -6.59
C SER A 169 14.02 -2.35 -7.67
N GLY A 170 13.53 -1.99 -8.86
CA GLY A 170 13.45 -2.97 -9.92
C GLY A 170 12.70 -4.23 -9.50
N LEU A 171 11.64 -4.06 -8.71
CA LEU A 171 10.87 -5.20 -8.24
C LEU A 171 9.62 -5.56 -9.00
N GLY A 172 9.10 -4.68 -9.85
CA GLY A 172 7.88 -4.98 -10.58
C GLY A 172 6.63 -4.83 -9.71
N ILE A 173 5.53 -5.43 -10.15
CA ILE A 173 4.26 -5.35 -9.42
C ILE A 173 4.37 -6.11 -8.09
N CYS A 174 4.31 -5.39 -6.98
CA CYS A 174 4.42 -6.01 -5.66
C CYS A 174 3.09 -6.27 -4.99
N ASN A 175 2.03 -5.62 -5.48
CA ASN A 175 0.70 -5.82 -4.90
C ASN A 175 -0.37 -5.80 -5.99
N PRO A 176 -0.43 -6.84 -6.81
CA PRO A 176 -1.43 -6.90 -7.88
C PRO A 176 -2.85 -6.88 -7.38
N TYR A 177 -3.06 -7.30 -6.13
CA TYR A 177 -4.39 -7.30 -5.56
C TYR A 177 -4.94 -5.89 -5.46
N ASN A 178 -4.23 -5.03 -4.74
CA ASN A 178 -4.63 -3.63 -4.59
C ASN A 178 -4.66 -2.97 -5.95
N LEU A 179 -3.74 -3.35 -6.81
CA LEU A 179 -3.68 -2.78 -8.14
C LEU A 179 -4.97 -3.06 -8.90
N ARG A 180 -5.52 -4.26 -8.73
CA ARG A 180 -6.77 -4.62 -9.41
C ARG A 180 -7.95 -3.82 -8.89
N ILE A 181 -8.02 -3.62 -7.57
CA ILE A 181 -9.09 -2.84 -7.00
C ILE A 181 -9.04 -1.41 -7.56
N ILE A 182 -7.86 -0.79 -7.51
CA ILE A 182 -7.68 0.56 -8.04
C ILE A 182 -8.16 0.63 -9.50
N LEU A 183 -7.84 -0.38 -10.29
CA LEU A 183 -8.26 -0.39 -11.68
C LEU A 183 -9.77 -0.63 -11.83
N GLU A 184 -10.33 -1.53 -11.04
CA GLU A 184 -11.75 -1.83 -11.10
C GLU A 184 -12.62 -0.61 -10.83
N GLU A 185 -12.19 0.22 -9.88
CA GLU A 185 -12.95 1.39 -9.52
C GLU A 185 -12.39 2.71 -10.04
N ALA A 186 -11.33 2.65 -10.83
CA ALA A 186 -10.71 3.87 -11.36
C ALA A 186 -11.67 4.63 -12.24
N LYS A 187 -11.90 5.90 -11.87
CA LYS A 187 -12.79 6.78 -12.63
C LYS A 187 -11.94 7.73 -13.48
N VAL A 188 -10.62 7.52 -13.45
CA VAL A 188 -9.66 8.32 -14.23
C VAL A 188 -8.55 7.36 -14.71
N PRO A 189 -7.69 7.82 -15.64
CA PRO A 189 -6.62 6.94 -16.12
C PRO A 189 -5.68 6.45 -15.02
N VAL A 190 -5.26 5.19 -15.12
CA VAL A 190 -4.37 4.61 -14.13
C VAL A 190 -3.05 4.21 -14.77
N LEU A 191 -1.96 4.76 -14.24
CA LEU A 191 -0.64 4.47 -14.76
C LEU A 191 0.25 3.90 -13.68
N VAL A 192 0.81 2.72 -13.92
CA VAL A 192 1.71 2.13 -12.96
C VAL A 192 3.02 2.89 -13.12
N ASP A 193 3.43 3.55 -12.04
CA ASP A 193 4.62 4.38 -12.08
C ASP A 193 5.73 3.92 -11.14
N ALA A 194 6.89 3.63 -11.72
CA ALA A 194 8.08 3.21 -10.98
C ALA A 194 8.06 1.80 -10.40
N GLY A 195 9.26 1.28 -10.14
CA GLY A 195 9.41 -0.04 -9.56
C GLY A 195 9.65 -1.15 -10.56
N VAL A 196 9.39 -0.90 -11.85
CA VAL A 196 9.59 -1.90 -12.90
C VAL A 196 11.00 -2.47 -12.98
N GLY A 197 11.13 -3.74 -13.34
CA GLY A 197 12.43 -4.37 -13.44
C GLY A 197 12.83 -4.83 -14.84
N THR A 198 11.88 -5.32 -15.63
CA THR A 198 12.15 -5.76 -17.01
C THR A 198 10.93 -5.60 -17.88
N ALA A 199 11.01 -6.14 -19.10
CA ALA A 199 9.92 -6.07 -20.05
C ALA A 199 8.62 -6.69 -19.52
N SER A 200 8.72 -7.93 -19.03
CA SER A 200 7.56 -8.67 -18.51
C SER A 200 6.81 -7.93 -17.42
N ASP A 201 7.53 -7.21 -16.58
CA ASP A 201 6.88 -6.45 -15.52
C ASP A 201 5.90 -5.48 -16.16
N ALA A 202 6.38 -4.73 -17.15
CA ALA A 202 5.52 -3.77 -17.84
C ALA A 202 4.40 -4.47 -18.60
N ALA A 203 4.71 -5.60 -19.23
CA ALA A 203 3.66 -6.31 -19.98
C ALA A 203 2.52 -6.67 -19.04
N ILE A 204 2.88 -7.16 -17.85
CA ILE A 204 1.90 -7.56 -16.85
C ILE A 204 1.00 -6.41 -16.42
N ALA A 205 1.61 -5.25 -16.23
CA ALA A 205 0.88 -4.05 -15.83
C ALA A 205 -0.25 -3.78 -16.83
N MET A 206 0.10 -3.75 -18.11
CA MET A 206 -0.89 -3.52 -19.15
C MET A 206 -1.95 -4.61 -19.10
N GLU A 207 -1.52 -5.87 -19.00
CA GLU A 207 -2.45 -7.01 -18.94
C GLU A 207 -3.46 -6.83 -17.83
N LEU A 208 -3.03 -6.26 -16.70
CA LEU A 208 -3.93 -6.03 -15.57
C LEU A 208 -4.98 -4.97 -15.88
N GLY A 209 -4.63 -4.06 -16.79
CA GLY A 209 -5.57 -3.04 -17.19
C GLY A 209 -5.11 -1.58 -17.17
N CYS A 210 -3.82 -1.34 -16.95
CA CYS A 210 -3.32 0.03 -16.91
C CYS A 210 -3.46 0.68 -18.26
N GLU A 211 -3.70 1.99 -18.26
CA GLU A 211 -3.83 2.78 -19.48
C GLU A 211 -2.45 3.07 -20.04
N ALA A 212 -1.46 3.13 -19.16
CA ALA A 212 -0.09 3.41 -19.58
C ALA A 212 0.83 3.01 -18.43
N VAL A 213 2.14 3.11 -18.68
CA VAL A 213 3.12 2.78 -17.67
C VAL A 213 4.21 3.84 -17.72
N LEU A 214 4.86 4.09 -16.59
CA LEU A 214 5.92 5.08 -16.54
C LEU A 214 7.10 4.44 -15.83
N MET A 215 8.28 4.57 -16.42
CA MET A 215 9.49 3.98 -15.85
C MET A 215 10.70 4.85 -16.14
N ASN A 216 11.79 4.60 -15.44
CA ASN A 216 13.02 5.32 -15.65
C ASN A 216 14.20 4.39 -15.35
N THR A 217 14.39 4.03 -14.07
CA THR A 217 15.51 3.16 -13.69
C THR A 217 15.63 1.85 -14.46
N ALA A 218 14.51 1.18 -14.73
CA ALA A 218 14.60 -0.10 -15.47
C ALA A 218 15.33 0.05 -16.80
N ILE A 219 15.06 1.13 -17.53
CA ILE A 219 15.70 1.41 -18.82
C ILE A 219 17.13 1.94 -18.61
N ALA A 220 17.24 3.14 -18.04
CA ALA A 220 18.54 3.74 -17.83
C ALA A 220 19.54 2.89 -17.02
N HIS A 221 19.08 1.85 -16.33
CA HIS A 221 20.04 1.05 -15.55
C HIS A 221 20.33 -0.35 -16.08
N ALA A 222 19.81 -0.68 -17.25
CA ALA A 222 20.08 -1.99 -17.84
C ALA A 222 21.48 -1.87 -18.44
N LYS A 223 22.19 -2.98 -18.53
CA LYS A 223 23.53 -2.97 -19.10
C LYS A 223 23.57 -2.22 -20.44
N ASP A 224 22.49 -2.32 -21.21
CA ASP A 224 22.42 -1.66 -22.50
C ASP A 224 21.11 -0.90 -22.63
N PRO A 225 21.01 0.24 -21.94
CA PRO A 225 19.86 1.15 -21.88
C PRO A 225 19.00 1.33 -23.12
N VAL A 226 19.63 1.58 -24.26
CA VAL A 226 18.87 1.78 -25.49
C VAL A 226 18.10 0.54 -25.92
N MET A 227 18.62 -0.65 -25.60
CA MET A 227 17.91 -1.86 -25.98
C MET A 227 16.74 -2.10 -25.03
N MET A 228 16.96 -1.90 -23.75
CA MET A 228 15.90 -2.08 -22.78
C MET A 228 14.73 -1.19 -23.20
N ALA A 229 15.04 -0.01 -23.72
CA ALA A 229 14.03 0.94 -24.18
C ALA A 229 13.19 0.30 -25.27
N GLU A 230 13.86 -0.23 -26.28
CA GLU A 230 13.16 -0.87 -27.37
C GLU A 230 12.34 -2.03 -26.84
N ALA A 231 12.90 -2.69 -25.81
CA ALA A 231 12.25 -3.83 -25.20
C ALA A 231 10.94 -3.39 -24.57
N MET A 232 10.99 -2.38 -23.70
CA MET A 232 9.80 -1.86 -23.03
C MET A 232 8.79 -1.35 -24.07
N LYS A 233 9.31 -0.78 -25.15
CA LYS A 233 8.49 -0.27 -26.26
C LYS A 233 7.55 -1.38 -26.71
N HIS A 234 8.09 -2.58 -26.90
CA HIS A 234 7.30 -3.73 -27.30
C HIS A 234 6.58 -4.31 -26.09
N ALA A 235 7.24 -4.29 -24.95
CA ALA A 235 6.67 -4.82 -23.71
C ALA A 235 5.28 -4.26 -23.43
N ILE A 236 5.17 -2.92 -23.41
CA ILE A 236 3.87 -2.30 -23.09
C ILE A 236 2.86 -2.45 -24.23
N VAL A 237 3.32 -2.61 -25.47
CA VAL A 237 2.34 -2.78 -26.54
C VAL A 237 1.83 -4.22 -26.56
N ALA A 238 2.73 -5.17 -26.29
CA ALA A 238 2.38 -6.58 -26.26
C ALA A 238 1.33 -6.87 -25.18
N GLY A 239 1.56 -6.37 -23.97
CA GLY A 239 0.62 -6.58 -22.89
C GLY A 239 -0.69 -5.82 -23.07
N ARG A 240 -0.62 -4.66 -23.71
CA ARG A 240 -1.81 -3.86 -23.98
C ARG A 240 -2.73 -4.60 -24.97
N LEU A 241 -2.12 -5.22 -25.98
CA LEU A 241 -2.90 -5.98 -26.96
C LEU A 241 -3.50 -7.21 -26.30
N ALA A 242 -2.74 -7.85 -25.43
CA ALA A 242 -3.18 -9.04 -24.72
C ALA A 242 -4.39 -8.72 -23.83
N TYR A 243 -4.36 -7.55 -23.19
CA TYR A 243 -5.47 -7.15 -22.33
C TYR A 243 -6.74 -7.08 -23.19
N LEU A 244 -6.68 -6.30 -24.27
CA LEU A 244 -7.80 -6.15 -25.19
C LEU A 244 -8.20 -7.49 -25.81
N ALA A 245 -7.22 -8.30 -26.19
CA ALA A 245 -7.49 -9.59 -26.80
C ALA A 245 -8.32 -10.53 -25.91
N GLY A 246 -8.22 -10.37 -24.59
CA GLY A 246 -8.97 -11.22 -23.67
C GLY A 246 -8.44 -12.65 -23.61
N ARG A 247 -7.45 -12.87 -22.76
CA ARG A 247 -6.79 -14.18 -22.63
C ARG A 247 -7.66 -15.36 -22.22
N MET A 248 -7.16 -16.56 -22.51
CA MET A 248 -7.83 -17.82 -22.19
C MET A 248 -7.79 -18.08 -20.69
N PRO A 249 -8.73 -18.88 -20.17
CA PRO A 249 -8.77 -19.19 -18.74
C PRO A 249 -7.63 -20.11 -18.32
N ARG A 250 -7.54 -20.36 -17.01
CA ARG A 250 -6.50 -21.21 -16.44
C ARG A 250 -7.12 -22.55 -16.02
N LYS A 251 -6.90 -23.58 -16.82
CA LYS A 251 -7.43 -24.90 -16.52
C LYS A 251 -6.79 -25.44 -15.24
N THR B 9 11.81 -15.39 23.04
CA THR B 9 11.83 -14.14 23.86
C THR B 9 10.43 -13.89 24.46
N PRO B 10 10.23 -12.73 25.13
CA PRO B 10 8.92 -12.43 25.72
C PRO B 10 7.97 -11.59 24.87
N PHE B 11 6.74 -12.08 24.69
CA PHE B 11 5.73 -11.36 23.92
C PHE B 11 4.97 -10.38 24.82
N VAL B 12 5.54 -9.18 24.95
CA VAL B 12 5.00 -8.11 25.79
C VAL B 12 4.28 -6.98 25.07
N ILE B 13 3.06 -6.67 25.53
CA ILE B 13 2.25 -5.60 24.96
C ILE B 13 1.68 -4.73 26.07
N ALA B 14 1.98 -3.44 26.00
CA ALA B 14 1.48 -2.49 26.99
C ALA B 14 1.82 -2.90 28.42
N GLY B 15 3.06 -3.30 28.66
CA GLY B 15 3.48 -3.71 29.98
C GLY B 15 3.22 -5.18 30.23
N ARG B 16 1.98 -5.61 30.01
CA ARG B 16 1.61 -7.00 30.21
C ARG B 16 2.36 -7.92 29.24
N THR B 17 2.71 -9.11 29.71
CA THR B 17 3.40 -10.06 28.88
C THR B 17 2.49 -11.29 28.72
N TYR B 18 2.44 -11.83 27.51
CA TYR B 18 1.58 -12.99 27.21
C TYR B 18 2.37 -14.20 26.70
N GLY B 19 1.68 -15.34 26.64
CA GLY B 19 2.29 -16.57 26.17
C GLY B 19 1.98 -16.86 24.71
N SER B 20 0.70 -16.77 24.34
CA SER B 20 0.29 -17.02 22.96
C SER B 20 0.49 -15.78 22.11
N ARG B 21 1.10 -15.97 20.95
CA ARG B 21 1.32 -14.87 20.01
C ARG B 21 0.25 -14.95 18.92
N LEU B 22 -0.87 -15.57 19.23
CA LEU B 22 -1.96 -15.71 18.28
C LEU B 22 -3.27 -15.06 18.75
N LEU B 23 -3.44 -13.76 18.49
CA LEU B 23 -4.68 -13.09 18.86
C LEU B 23 -5.74 -13.66 17.94
N VAL B 24 -6.97 -13.80 18.44
CA VAL B 24 -8.05 -14.35 17.63
C VAL B 24 -9.33 -13.53 17.74
N GLY B 25 -10.08 -13.47 16.65
CA GLY B 25 -11.31 -12.68 16.61
C GLY B 25 -12.56 -13.47 16.96
N THR B 26 -13.70 -12.79 16.97
CA THR B 26 -14.98 -13.41 17.31
C THR B 26 -16.09 -13.00 16.35
N GLY B 27 -17.29 -13.50 16.62
CA GLY B 27 -18.43 -13.13 15.80
C GLY B 27 -18.60 -13.82 14.47
N LYS B 28 -17.61 -14.60 14.05
CA LYS B 28 -17.71 -15.28 12.76
C LYS B 28 -18.16 -16.74 12.90
N TYR B 29 -18.18 -17.26 14.12
CA TYR B 29 -18.57 -18.65 14.35
C TYR B 29 -20.08 -18.84 14.22
N LYS B 30 -20.55 -20.04 14.56
CA LYS B 30 -21.97 -20.35 14.44
C LYS B 30 -22.72 -20.19 15.76
N ASP B 31 -21.99 -20.28 16.85
CA ASP B 31 -22.57 -20.16 18.19
C ASP B 31 -21.45 -20.01 19.20
N LEU B 32 -21.84 -19.91 20.47
CA LEU B 32 -20.87 -19.76 21.55
C LEU B 32 -20.12 -21.04 21.87
N ASP B 33 -20.78 -22.17 21.73
CA ASP B 33 -20.13 -23.46 21.99
C ASP B 33 -18.90 -23.50 21.10
N GLU B 34 -19.13 -23.23 19.80
CA GLU B 34 -18.09 -23.23 18.79
C GLU B 34 -16.98 -22.24 19.10
N THR B 35 -17.31 -20.96 19.19
CA THR B 35 -16.31 -19.94 19.47
C THR B 35 -15.56 -20.26 20.77
N ARG B 36 -16.27 -20.83 21.73
CA ARG B 36 -15.67 -21.16 23.01
C ARG B 36 -14.64 -22.26 22.81
N ARG B 37 -15.06 -23.35 22.16
CA ARG B 37 -14.18 -24.48 21.92
C ARG B 37 -13.05 -24.10 20.96
N ALA B 38 -13.32 -23.17 20.07
CA ALA B 38 -12.35 -22.72 19.09
C ALA B 38 -11.24 -21.84 19.68
N ILE B 39 -11.58 -20.68 20.22
CA ILE B 39 -10.56 -19.79 20.77
C ILE B 39 -9.86 -20.48 21.93
N GLU B 40 -10.42 -21.62 22.31
CA GLU B 40 -9.88 -22.43 23.39
C GLU B 40 -8.78 -23.27 22.76
N ALA B 41 -9.06 -23.79 21.57
CA ALA B 41 -8.13 -24.60 20.80
C ALA B 41 -6.99 -23.76 20.22
N SER B 42 -7.33 -22.55 19.79
CA SER B 42 -6.35 -21.62 19.23
C SER B 42 -5.23 -21.35 20.23
N GLY B 43 -5.56 -21.44 21.51
CA GLY B 43 -4.56 -21.21 22.53
C GLY B 43 -4.34 -19.73 22.74
N ALA B 44 -5.19 -18.92 22.13
CA ALA B 44 -5.12 -17.47 22.24
C ALA B 44 -5.30 -16.97 23.68
N GLU B 45 -4.60 -15.88 24.00
CA GLU B 45 -4.68 -15.25 25.33
C GLU B 45 -5.46 -13.92 25.22
N ILE B 46 -5.32 -13.27 24.08
CA ILE B 46 -6.00 -12.01 23.80
C ILE B 46 -7.02 -12.30 22.71
N VAL B 47 -8.29 -11.99 22.96
CA VAL B 47 -9.31 -12.21 21.94
C VAL B 47 -10.09 -10.91 21.74
N THR B 48 -10.18 -10.49 20.49
CA THR B 48 -10.85 -9.24 20.14
C THR B 48 -12.33 -9.44 19.80
N VAL B 49 -13.15 -8.47 20.20
CA VAL B 49 -14.58 -8.49 19.94
C VAL B 49 -15.07 -7.15 19.36
N ALA B 50 -15.99 -7.23 18.41
CA ALA B 50 -16.54 -6.03 17.79
C ALA B 50 -17.62 -5.39 18.69
N VAL B 51 -17.19 -4.47 19.54
CA VAL B 51 -18.06 -3.76 20.46
C VAL B 51 -19.37 -3.34 19.82
N ARG B 52 -19.29 -2.73 18.64
CA ARG B 52 -20.50 -2.27 17.96
C ARG B 52 -21.37 -3.40 17.43
N ARG B 53 -20.97 -4.64 17.73
CA ARG B 53 -21.73 -5.82 17.31
C ARG B 53 -21.32 -7.07 18.10
N TYR B 74 -7.40 -14.42 30.60
CA TYR B 74 -7.71 -13.82 29.31
C TYR B 74 -7.35 -12.33 29.23
N THR B 75 -7.72 -11.73 28.10
CA THR B 75 -7.52 -10.31 27.85
C THR B 75 -8.44 -10.01 26.68
N ILE B 76 -9.45 -9.18 26.90
CA ILE B 76 -10.36 -8.85 25.82
C ILE B 76 -9.95 -7.57 25.10
N LEU B 77 -9.93 -7.64 23.77
CA LEU B 77 -9.53 -6.50 22.91
C LEU B 77 -10.73 -5.90 22.18
N PRO B 78 -11.40 -4.90 22.80
CA PRO B 78 -12.56 -4.27 22.15
C PRO B 78 -12.11 -3.55 20.88
N ASN B 79 -12.72 -3.86 19.74
CA ASN B 79 -12.33 -3.19 18.52
C ASN B 79 -13.49 -2.43 17.95
N THR B 80 -13.17 -1.30 17.30
CA THR B 80 -14.20 -0.45 16.72
C THR B 80 -14.74 -0.92 15.38
N ALA B 81 -14.79 -2.22 15.15
CA ALA B 81 -15.32 -2.71 13.88
C ALA B 81 -16.69 -2.08 13.64
N GLY B 82 -16.90 -1.52 12.46
CA GLY B 82 -18.18 -0.91 12.18
C GLY B 82 -18.09 0.59 12.04
N CYS B 83 -17.02 1.18 12.59
CA CYS B 83 -16.83 2.63 12.52
C CYS B 83 -16.28 3.06 11.18
N TYR B 84 -16.63 4.27 10.77
CA TYR B 84 -16.16 4.81 9.50
C TYR B 84 -15.58 6.21 9.65
N ASP B 85 -15.59 6.76 10.86
CA ASP B 85 -15.02 8.08 11.13
C ASP B 85 -14.12 7.95 12.33
N ALA B 86 -13.32 8.98 12.58
CA ALA B 86 -12.46 8.97 13.75
C ALA B 86 -13.42 9.24 14.92
N VAL B 87 -14.41 10.10 14.66
CA VAL B 87 -15.41 10.47 15.66
C VAL B 87 -16.22 9.27 16.16
N GLU B 88 -16.54 8.34 15.26
CA GLU B 88 -17.28 7.14 15.64
C GLU B 88 -16.36 6.18 16.40
N ALA B 89 -15.19 5.93 15.84
CA ALA B 89 -14.22 5.06 16.47
C ALA B 89 -13.90 5.56 17.88
N VAL B 90 -13.66 6.87 18.00
CA VAL B 90 -13.35 7.47 19.28
C VAL B 90 -14.49 7.33 20.29
N ARG B 91 -15.72 7.38 19.82
CA ARG B 91 -16.86 7.27 20.71
C ARG B 91 -17.05 5.82 21.14
N THR B 92 -16.93 4.90 20.19
CA THR B 92 -17.07 3.48 20.50
C THR B 92 -16.02 3.09 21.53
N CYS B 93 -14.81 3.63 21.38
CA CYS B 93 -13.73 3.33 22.32
C CYS B 93 -13.99 3.84 23.73
N ARG B 94 -14.62 5.01 23.84
CA ARG B 94 -14.91 5.56 25.16
C ARG B 94 -16.00 4.72 25.79
N LEU B 95 -16.99 4.35 24.98
CA LEU B 95 -18.10 3.57 25.48
C LEU B 95 -17.77 2.10 25.75
N ALA B 96 -16.58 1.68 25.34
CA ALA B 96 -16.18 0.30 25.58
C ALA B 96 -15.19 0.32 26.72
N ARG B 97 -14.55 1.46 26.93
CA ARG B 97 -13.60 1.61 28.01
C ARG B 97 -14.33 1.62 29.34
N GLU B 98 -15.59 2.06 29.33
CA GLU B 98 -16.37 2.10 30.56
C GLU B 98 -17.22 0.86 30.81
N LEU B 99 -17.44 0.06 29.78
CA LEU B 99 -18.19 -1.18 29.96
C LEU B 99 -17.22 -2.23 30.48
N LEU B 100 -15.93 -2.02 30.20
CA LEU B 100 -14.88 -2.93 30.62
C LEU B 100 -14.16 -2.40 31.84
N ASP B 101 -14.82 -1.52 32.59
CA ASP B 101 -14.23 -0.96 33.80
C ASP B 101 -12.87 -0.31 33.57
N GLY B 102 -12.90 0.80 32.82
CA GLY B 102 -11.69 1.56 32.54
C GLY B 102 -10.50 0.84 31.92
N HIS B 103 -10.72 -0.14 31.06
CA HIS B 103 -9.60 -0.82 30.44
C HIS B 103 -9.21 -0.04 29.17
N ASN B 104 -7.96 0.39 29.12
CA ASN B 104 -7.46 1.18 27.99
C ASN B 104 -7.06 0.41 26.74
N LEU B 105 -7.06 -0.91 26.81
CA LEU B 105 -6.68 -1.71 25.65
C LEU B 105 -7.73 -1.71 24.55
N VAL B 106 -7.37 -1.12 23.42
CA VAL B 106 -8.29 -1.03 22.30
C VAL B 106 -7.63 -1.26 20.96
N LYS B 107 -8.38 -1.87 20.05
CA LYS B 107 -7.92 -2.11 18.69
C LYS B 107 -8.62 -1.08 17.81
N LEU B 108 -7.91 -0.02 17.44
CA LEU B 108 -8.51 1.00 16.59
C LEU B 108 -8.72 0.41 15.20
N GLU B 109 -9.91 0.61 14.63
CA GLU B 109 -10.20 0.06 13.31
C GLU B 109 -11.19 0.90 12.50
N VAL B 110 -10.69 1.96 11.88
CA VAL B 110 -11.51 2.83 11.04
C VAL B 110 -11.46 2.35 9.59
N LEU B 111 -12.53 1.75 9.09
CA LEU B 111 -12.59 1.27 7.70
C LEU B 111 -13.12 2.30 6.70
N ALA B 112 -12.93 2.03 5.41
CA ALA B 112 -13.36 2.94 4.36
C ALA B 112 -14.80 2.75 3.95
N ASP B 113 -15.15 1.55 3.53
CA ASP B 113 -16.51 1.23 3.13
C ASP B 113 -16.79 -0.25 3.32
N GLN B 114 -18.05 -0.56 3.55
CA GLN B 114 -18.49 -1.93 3.75
C GLN B 114 -18.11 -2.83 2.58
N LYS B 115 -17.66 -2.24 1.47
CA LYS B 115 -17.28 -3.04 0.31
C LYS B 115 -15.88 -3.64 0.42
N THR B 116 -14.87 -2.77 0.35
CA THR B 116 -13.51 -3.22 0.42
C THR B 116 -13.06 -3.52 1.83
N LEU B 117 -13.71 -2.90 2.82
CA LEU B 117 -13.32 -3.09 4.22
C LEU B 117 -11.82 -2.81 4.33
N PHE B 118 -11.38 -1.87 3.51
CA PHE B 118 -9.98 -1.48 3.49
C PHE B 118 -9.85 -0.29 4.43
N PRO B 119 -8.78 -0.24 5.23
CA PRO B 119 -8.60 0.89 6.15
C PRO B 119 -8.54 2.28 5.51
N ASN B 120 -9.13 3.26 6.20
CA ASN B 120 -9.12 4.64 5.78
C ASN B 120 -8.00 5.19 6.66
N VAL B 121 -6.78 5.14 6.17
CA VAL B 121 -5.65 5.58 6.96
C VAL B 121 -5.69 7.03 7.44
N VAL B 122 -6.43 7.88 6.74
CA VAL B 122 -6.49 9.30 7.13
C VAL B 122 -7.34 9.46 8.38
N GLU B 123 -8.46 8.76 8.41
CA GLU B 123 -9.36 8.80 9.55
C GLU B 123 -8.73 8.06 10.73
N THR B 124 -8.00 7.01 10.42
CA THR B 124 -7.32 6.20 11.42
C THR B 124 -6.26 7.03 12.14
N LEU B 125 -5.57 7.87 11.37
CA LEU B 125 -4.53 8.75 11.93
C LEU B 125 -5.22 9.76 12.85
N LYS B 126 -6.38 10.24 12.40
CA LYS B 126 -7.20 11.19 13.14
C LYS B 126 -7.57 10.61 14.51
N ALA B 127 -8.29 9.49 14.48
CA ALA B 127 -8.72 8.81 15.70
C ALA B 127 -7.55 8.32 16.57
N ALA B 128 -6.50 7.82 15.94
CA ALA B 128 -5.35 7.30 16.69
C ALA B 128 -4.71 8.36 17.55
N GLU B 129 -4.69 9.58 17.04
CA GLU B 129 -4.11 10.71 17.74
C GLU B 129 -5.00 11.09 18.92
N GLN B 130 -6.29 11.16 18.65
CA GLN B 130 -7.27 11.51 19.68
C GLN B 130 -7.27 10.51 20.83
N LEU B 131 -7.30 9.22 20.49
CA LEU B 131 -7.32 8.14 21.46
C LEU B 131 -6.08 8.08 22.32
N VAL B 132 -4.92 8.40 21.75
CA VAL B 132 -3.65 8.36 22.50
C VAL B 132 -3.57 9.42 23.59
N LYS B 133 -4.02 10.63 23.28
CA LYS B 133 -3.98 11.70 24.27
C LYS B 133 -5.21 11.64 25.16
N ASP B 134 -5.93 10.53 25.07
CA ASP B 134 -7.14 10.30 25.87
C ASP B 134 -6.93 9.10 26.79
N GLY B 135 -5.66 8.76 27.01
CA GLY B 135 -5.31 7.66 27.89
C GLY B 135 -5.42 6.24 27.40
N PHE B 136 -5.73 6.04 26.12
CA PHE B 136 -5.87 4.68 25.58
C PHE B 136 -4.56 4.01 25.17
N ASP B 137 -4.61 2.67 25.15
CA ASP B 137 -3.50 1.82 24.73
C ASP B 137 -4.02 1.26 23.41
N VAL B 138 -3.64 1.94 22.34
CA VAL B 138 -4.10 1.57 21.00
C VAL B 138 -3.27 0.58 20.18
N MET B 139 -3.96 -0.42 19.65
CA MET B 139 -3.36 -1.41 18.75
C MET B 139 -4.10 -0.98 17.52
N VAL B 140 -3.40 -0.42 16.55
CA VAL B 140 -4.05 0.10 15.35
C VAL B 140 -4.00 -0.72 14.07
N TYR B 141 -5.17 -0.98 13.49
CA TYR B 141 -5.30 -1.70 12.23
C TYR B 141 -4.92 -0.66 11.15
N THR B 142 -4.21 -1.11 10.11
CA THR B 142 -3.76 -0.20 9.05
C THR B 142 -3.34 -0.91 7.76
N SER B 143 -3.02 -0.13 6.74
CA SER B 143 -2.57 -0.68 5.46
C SER B 143 -1.11 -1.12 5.58
N ASP B 144 -0.49 -1.52 4.47
CA ASP B 144 0.91 -1.94 4.49
C ASP B 144 1.84 -0.78 4.20
N ASP B 145 1.26 0.42 4.15
CA ASP B 145 2.00 1.66 3.90
C ASP B 145 2.99 1.80 5.06
N PRO B 146 4.29 1.71 4.76
CA PRO B 146 5.27 1.84 5.84
C PRO B 146 5.44 3.21 6.47
N ILE B 147 5.12 4.30 5.76
CA ILE B 147 5.27 5.61 6.37
C ILE B 147 4.12 5.97 7.29
N ILE B 148 2.88 5.58 6.96
CA ILE B 148 1.78 5.90 7.85
C ILE B 148 1.89 5.00 9.09
N ALA B 149 2.50 3.82 8.92
CA ALA B 149 2.68 2.88 10.02
C ALA B 149 3.73 3.45 10.96
N ARG B 150 4.59 4.30 10.39
CA ARG B 150 5.64 4.94 11.16
C ARG B 150 5.04 6.03 12.04
N GLN B 151 4.19 6.88 11.44
CA GLN B 151 3.55 7.96 12.17
C GLN B 151 2.64 7.46 13.28
N LEU B 152 1.97 6.33 13.04
CA LEU B 152 1.07 5.78 14.04
C LEU B 152 1.83 5.40 15.32
N ALA B 153 3.05 4.88 15.17
CA ALA B 153 3.85 4.51 16.33
C ALA B 153 4.40 5.78 16.99
N GLU B 154 4.52 6.85 16.19
CA GLU B 154 5.02 8.12 16.69
C GLU B 154 3.99 8.85 17.52
N ILE B 155 2.74 8.84 17.07
CA ILE B 155 1.70 9.52 17.81
C ILE B 155 1.25 8.65 19.00
N GLY B 156 2.01 7.60 19.28
CA GLY B 156 1.70 6.71 20.38
C GLY B 156 1.56 5.27 19.92
N CYS B 157 0.39 4.70 20.17
CA CYS B 157 0.11 3.32 19.76
C CYS B 157 1.08 2.26 20.28
N ILE B 158 0.53 1.36 21.09
CA ILE B 158 1.25 0.24 21.69
C ILE B 158 1.76 -0.69 20.60
N ALA B 159 0.94 -0.87 19.58
CA ALA B 159 1.29 -1.73 18.46
C ALA B 159 0.58 -1.33 17.17
N VAL B 160 1.29 -1.48 16.06
CA VAL B 160 0.74 -1.17 14.75
C VAL B 160 0.48 -2.54 14.10
N MET B 161 -0.72 -2.75 13.56
CA MET B 161 -1.07 -4.03 12.94
C MET B 161 -1.44 -3.98 11.47
N PRO B 162 -0.44 -3.88 10.58
CA PRO B 162 -0.78 -3.83 9.14
C PRO B 162 -1.51 -5.09 8.72
N LEU B 163 -2.40 -4.95 7.76
CA LEU B 163 -3.14 -6.11 7.29
C LEU B 163 -2.24 -7.06 6.47
N ALA B 164 -2.73 -8.28 6.24
CA ALA B 164 -1.99 -9.27 5.45
C ALA B 164 -2.64 -9.26 4.09
N GLY B 165 -3.97 -9.28 4.11
CA GLY B 165 -4.77 -9.25 2.90
C GLY B 165 -6.08 -8.58 3.28
N LEU B 166 -6.96 -8.34 2.33
CA LEU B 166 -8.23 -7.71 2.69
C LEU B 166 -8.95 -8.59 3.73
N ILE B 167 -9.76 -7.94 4.57
CA ILE B 167 -10.53 -8.62 5.61
C ILE B 167 -11.47 -9.68 5.05
N GLY B 168 -11.33 -10.91 5.52
CA GLY B 168 -12.21 -11.97 5.05
C GLY B 168 -11.97 -12.44 3.62
N SER B 169 -10.89 -11.98 3.00
CA SER B 169 -10.54 -12.38 1.63
C SER B 169 -9.78 -13.71 1.67
N GLY B 170 -9.29 -14.09 2.84
CA GLY B 170 -8.52 -15.32 2.93
C GLY B 170 -7.37 -15.35 1.93
N LEU B 171 -6.71 -14.20 1.73
CA LEU B 171 -5.61 -14.15 0.78
C LEU B 171 -4.20 -14.26 1.31
N GLY B 172 -4.02 -14.07 2.61
CA GLY B 172 -2.68 -14.18 3.16
C GLY B 172 -1.87 -12.93 2.89
N ILE B 173 -0.54 -13.02 3.01
CA ILE B 173 0.34 -11.88 2.81
C ILE B 173 0.32 -11.44 1.34
N CYS B 174 -0.20 -10.24 1.08
CA CYS B 174 -0.28 -9.74 -0.28
C CYS B 174 0.83 -8.79 -0.64
N ASN B 175 1.52 -8.26 0.37
CA ASN B 175 2.62 -7.33 0.10
C ASN B 175 3.77 -7.53 1.09
N PRO B 176 4.49 -8.66 0.97
CA PRO B 176 5.60 -8.93 1.87
C PRO B 176 6.70 -7.89 1.82
N TYR B 177 6.80 -7.17 0.72
CA TYR B 177 7.82 -6.14 0.57
C TYR B 177 7.59 -5.03 1.61
N ASN B 178 6.42 -4.42 1.53
CA ASN B 178 6.06 -3.37 2.46
C ASN B 178 6.07 -3.89 3.87
N LEU B 179 5.67 -5.15 4.02
CA LEU B 179 5.62 -5.77 5.34
C LEU B 179 7.02 -5.81 5.94
N ARG B 180 8.03 -6.10 5.11
CA ARG B 180 9.41 -6.16 5.58
C ARG B 180 9.90 -4.79 6.01
N ILE B 181 9.59 -3.75 5.26
CA ILE B 181 10.02 -2.41 5.61
C ILE B 181 9.42 -2.02 6.97
N ILE B 182 8.11 -2.22 7.11
CA ILE B 182 7.43 -1.91 8.37
C ILE B 182 8.12 -2.63 9.53
N LEU B 183 8.52 -3.88 9.32
CA LEU B 183 9.18 -4.66 10.37
C LEU B 183 10.60 -4.17 10.64
N GLU B 184 11.33 -3.86 9.57
CA GLU B 184 12.70 -3.38 9.69
C GLU B 184 12.79 -2.11 10.52
N GLU B 185 11.83 -1.22 10.35
CA GLU B 185 11.84 0.05 11.07
C GLU B 185 10.85 0.15 12.22
N ALA B 186 10.15 -0.94 12.50
CA ALA B 186 9.17 -0.94 13.59
C ALA B 186 9.82 -0.64 14.93
N LYS B 187 9.33 0.40 15.59
CA LYS B 187 9.83 0.80 16.91
C LYS B 187 8.84 0.33 17.98
N VAL B 188 7.79 -0.38 17.54
CA VAL B 188 6.77 -0.94 18.42
C VAL B 188 6.38 -2.31 17.87
N PRO B 189 5.64 -3.11 18.65
CA PRO B 189 5.25 -4.44 18.17
C PRO B 189 4.44 -4.43 16.88
N VAL B 190 4.73 -5.38 15.99
CA VAL B 190 4.02 -5.46 14.73
C VAL B 190 3.21 -6.74 14.65
N LEU B 191 1.91 -6.60 14.41
CA LEU B 191 1.02 -7.75 14.30
C LEU B 191 0.29 -7.75 12.97
N VAL B 192 0.43 -8.83 12.21
CA VAL B 192 -0.26 -8.94 10.94
C VAL B 192 -1.70 -9.25 11.32
N ASP B 193 -2.60 -8.35 10.92
CA ASP B 193 -4.01 -8.48 11.26
C ASP B 193 -4.94 -8.65 10.08
N ALA B 194 -5.67 -9.75 10.06
CA ALA B 194 -6.64 -10.04 9.00
C ALA B 194 -6.09 -10.40 7.63
N GLY B 195 -6.91 -11.10 6.87
CA GLY B 195 -6.53 -11.50 5.52
C GLY B 195 -5.99 -12.90 5.39
N VAL B 196 -5.63 -13.53 6.50
CA VAL B 196 -5.07 -14.90 6.52
C VAL B 196 -6.00 -15.95 5.91
N GLY B 197 -5.41 -16.94 5.23
CA GLY B 197 -6.18 -18.00 4.59
C GLY B 197 -6.03 -19.39 5.19
N THR B 198 -4.82 -19.77 5.61
CA THR B 198 -4.55 -21.09 6.21
C THR B 198 -3.39 -21.00 7.18
N ALA B 199 -2.94 -22.16 7.64
CA ALA B 199 -1.83 -22.23 8.58
C ALA B 199 -0.55 -21.59 8.05
N SER B 200 -0.14 -21.99 6.84
CA SER B 200 1.08 -21.50 6.21
C SER B 200 1.15 -19.98 6.13
N ASP B 201 0.00 -19.34 5.86
CA ASP B 201 -0.04 -17.89 5.78
C ASP B 201 0.48 -17.33 7.10
N ALA B 202 -0.07 -17.83 8.20
CA ALA B 202 0.35 -17.36 9.52
C ALA B 202 1.81 -17.74 9.83
N ALA B 203 2.22 -18.94 9.43
CA ALA B 203 3.59 -19.33 9.67
C ALA B 203 4.54 -18.34 9.00
N ILE B 204 4.21 -17.96 7.75
CA ILE B 204 5.02 -17.02 6.97
C ILE B 204 5.15 -15.68 7.67
N ALA B 205 4.02 -15.19 8.17
CA ALA B 205 3.99 -13.91 8.88
C ALA B 205 5.05 -13.90 9.98
N MET B 206 5.03 -14.91 10.83
CA MET B 206 5.98 -15.03 11.91
C MET B 206 7.39 -15.10 11.35
N GLU B 207 7.58 -15.90 10.31
CA GLU B 207 8.89 -16.05 9.68
C GLU B 207 9.45 -14.71 9.25
N LEU B 208 8.57 -13.84 8.76
CA LEU B 208 8.98 -12.50 8.32
C LEU B 208 9.44 -11.63 9.48
N GLY B 209 8.92 -11.92 10.68
CA GLY B 209 9.32 -11.18 11.86
C GLY B 209 8.23 -10.60 12.73
N CYS B 210 6.97 -10.94 12.48
CA CYS B 210 5.89 -10.41 13.29
C CYS B 210 5.98 -10.89 14.73
N GLU B 211 5.55 -10.05 15.66
CA GLU B 211 5.56 -10.38 17.08
C GLU B 211 4.36 -11.25 17.39
N ALA B 212 3.30 -11.09 16.61
CA ALA B 212 2.11 -11.89 16.81
C ALA B 212 1.26 -11.76 15.57
N VAL B 213 0.14 -12.48 15.54
CA VAL B 213 -0.76 -12.45 14.40
C VAL B 213 -2.17 -12.40 14.93
N LEU B 214 -3.10 -11.84 14.17
CA LEU B 214 -4.48 -11.78 14.61
C LEU B 214 -5.35 -12.22 13.43
N MET B 215 -6.28 -13.13 13.69
CA MET B 215 -7.15 -13.62 12.63
C MET B 215 -8.52 -13.93 13.19
N ASN B 216 -9.49 -14.12 12.29
CA ASN B 216 -10.85 -14.46 12.68
C ASN B 216 -11.47 -15.33 11.60
N THR B 217 -11.74 -14.74 10.43
CA THR B 217 -12.36 -15.48 9.34
C THR B 217 -11.68 -16.79 8.94
N ALA B 218 -10.34 -16.83 8.93
CA ALA B 218 -9.63 -18.05 8.54
C ALA B 218 -10.05 -19.24 9.42
N ILE B 219 -10.19 -19.00 10.72
CA ILE B 219 -10.59 -20.04 11.67
C ILE B 219 -12.10 -20.30 11.61
N ALA B 220 -12.88 -19.31 12.00
CA ALA B 220 -14.33 -19.45 11.99
C ALA B 220 -14.95 -19.83 10.63
N HIS B 221 -14.21 -19.72 9.54
CA HIS B 221 -14.81 -20.08 8.26
C HIS B 221 -14.28 -21.35 7.61
N ALA B 222 -13.42 -22.08 8.31
CA ALA B 222 -12.92 -23.34 7.76
C ALA B 222 -14.05 -24.35 7.97
N LYS B 223 -14.11 -25.37 7.13
CA LYS B 223 -15.14 -26.40 7.26
C LYS B 223 -15.25 -26.93 8.71
N ASP B 224 -14.11 -26.99 9.41
CA ASP B 224 -14.08 -27.47 10.78
C ASP B 224 -13.27 -26.52 11.66
N PRO B 225 -13.88 -25.36 11.97
CA PRO B 225 -13.35 -24.27 12.79
C PRO B 225 -12.42 -24.62 13.94
N VAL B 226 -12.84 -25.57 14.78
CA VAL B 226 -12.01 -25.94 15.93
C VAL B 226 -10.67 -26.55 15.54
N MET B 227 -10.62 -27.21 14.38
CA MET B 227 -9.35 -27.81 13.97
C MET B 227 -8.44 -26.73 13.40
N MET B 228 -9.01 -25.85 12.60
CA MET B 228 -8.23 -24.78 12.02
C MET B 228 -7.57 -24.00 13.15
N ALA B 229 -8.30 -23.86 14.26
CA ALA B 229 -7.77 -23.16 15.42
C ALA B 229 -6.52 -23.85 15.92
N GLU B 230 -6.60 -25.16 16.14
CA GLU B 230 -5.47 -25.93 16.62
C GLU B 230 -4.34 -25.83 15.60
N ALA B 231 -4.72 -25.76 14.33
CA ALA B 231 -3.76 -25.65 13.24
C ALA B 231 -2.97 -24.33 13.38
N MET B 232 -3.69 -23.21 13.45
CA MET B 232 -3.07 -21.89 13.58
C MET B 232 -2.23 -21.84 14.87
N LYS B 233 -2.70 -22.52 15.91
CA LYS B 233 -2.03 -22.60 17.20
C LYS B 233 -0.59 -23.08 16.94
N HIS B 234 -0.46 -24.11 16.12
CA HIS B 234 0.85 -24.65 15.78
C HIS B 234 1.50 -23.80 14.69
N ALA B 235 0.67 -23.32 13.77
CA ALA B 235 1.13 -22.50 12.66
C ALA B 235 1.99 -21.32 13.14
N ILE B 236 1.44 -20.51 14.06
CA ILE B 236 2.18 -19.34 14.53
C ILE B 236 3.36 -19.70 15.44
N VAL B 237 3.33 -20.87 16.07
CA VAL B 237 4.46 -21.22 16.92
C VAL B 237 5.59 -21.77 16.04
N ALA B 238 5.20 -22.53 15.02
CA ALA B 238 6.18 -23.12 14.11
C ALA B 238 6.99 -22.04 13.39
N GLY B 239 6.29 -21.06 12.84
CA GLY B 239 6.94 -19.96 12.12
C GLY B 239 7.76 -19.06 13.04
N ARG B 240 7.29 -18.90 14.27
CA ARG B 240 7.98 -18.07 15.26
C ARG B 240 9.32 -18.71 15.63
N LEU B 241 9.34 -20.04 15.77
CA LEU B 241 10.56 -20.76 16.09
C LEU B 241 11.52 -20.69 14.91
N ALA B 242 10.97 -20.82 13.70
CA ALA B 242 11.76 -20.77 12.47
C ALA B 242 12.43 -19.41 12.31
N TYR B 243 11.72 -18.35 12.69
CA TYR B 243 12.27 -17.01 12.60
C TYR B 243 13.51 -16.94 13.49
N LEU B 244 13.33 -17.29 14.77
CA LEU B 244 14.42 -17.29 15.74
C LEU B 244 15.54 -18.26 15.36
N ALA B 245 15.16 -19.43 14.85
CA ALA B 245 16.13 -20.43 14.44
C ALA B 245 17.10 -19.95 13.35
N GLY B 246 16.66 -19.02 12.51
CA GLY B 246 17.52 -18.50 11.44
C GLY B 246 17.72 -19.50 10.31
N ARG B 247 16.79 -19.52 9.36
CA ARG B 247 16.82 -20.46 8.25
C ARG B 247 18.04 -20.40 7.32
N MET B 248 18.25 -21.50 6.59
CA MET B 248 19.35 -21.64 5.64
C MET B 248 19.10 -20.79 4.40
N PRO B 249 20.17 -20.40 3.69
CA PRO B 249 20.04 -19.59 2.48
C PRO B 249 19.43 -20.40 1.32
N ARG B 250 19.34 -19.81 0.13
CA ARG B 250 18.77 -20.50 -1.03
C ARG B 250 19.74 -20.72 -2.20
N LYS B 251 20.00 -21.99 -2.53
CA LYS B 251 20.88 -22.33 -3.64
C LYS B 251 20.03 -22.23 -4.92
#